data_8I7S
#
_entry.id   8I7S
#
_cell.length_a   104.461
_cell.length_b   132.635
_cell.length_c   56.1974
_cell.angle_alpha   90.0
_cell.angle_beta   90.0
_cell.angle_gamma   90.0
#
_symmetry.space_group_name_H-M   'P 21 21 2'
#
loop_
_entity.id
_entity.type
_entity.pdbx_description
1 polymer 'Tyrosine-protein kinase ABL1'
2 non-polymer 5-[3-(2-methoxy-5-oxidanyl-phenyl)-1H-pyrrolo[2,3-b]pyridin-5-yl]-N,N-dimethyl-pyridine-3-carboxamide
3 water water
#
_entity_poly.entity_id   1
_entity_poly.type   'polypeptide(L)'
_entity_poly.pdbx_seq_one_letter_code
;SPNYDKWEMERTDITMKHKLGGGQYGEVYEGVWKKYSLTVAVKTLKEDTMEVEEFLKEAAVMKEIKHPNLVQLLGVCTRE
PPFYIITEFMTYGNLLDYLRECNRQEVNAVVLLYMATQISSAMEYLEKKNFIHRDLAARNCLVGENHLVKVADFGLSRLM
TGDT(PTR)TAHAGAKFPIKWTAPESLAYNKFSIKSDVWAFGVLLWEIATYGMSPYPGIDLSQVYELLEKDYRMERPEGC
PEKVYELMRACWQWNPSDRPSFAEIHQAFETMFQES
;
_entity_poly.pdbx_strand_id   A,B
#
loop_
_chem_comp.id
_chem_comp.type
_chem_comp.name
_chem_comp.formula
6CI non-polymer 5-[3-(2-methoxy-5-oxidanyl-phenyl)-1H-pyrrolo[2,3-b]pyridin-5-yl]-N,N-dimethyl-pyridine-3-carboxamide 'C22 H20 N4 O3'
#
# COMPACT_ATOMS: atom_id res chain seq x y z
N TYR A 4 3.31 -5.52 -18.19
CA TYR A 4 3.74 -5.11 -19.52
C TYR A 4 5.24 -5.33 -19.72
N ASP A 5 5.57 -6.26 -20.60
CA ASP A 5 6.95 -6.69 -20.79
C ASP A 5 7.75 -5.82 -21.78
N LYS A 6 7.08 -4.96 -22.55
CA LYS A 6 7.86 -3.99 -23.33
C LYS A 6 8.58 -3.04 -22.36
N TRP A 7 8.04 -2.92 -21.16
CA TRP A 7 8.64 -2.05 -20.14
C TRP A 7 9.77 -2.73 -19.38
N GLU A 8 9.72 -4.05 -19.31
CA GLU A 8 10.67 -4.79 -18.50
C GLU A 8 12.07 -4.72 -19.07
N MET A 9 13.04 -4.39 -18.22
CA MET A 9 14.44 -4.49 -18.61
C MET A 9 15.26 -5.21 -17.54
N GLU A 10 16.46 -5.66 -17.89
CA GLU A 10 17.32 -6.28 -16.90
C GLU A 10 18.01 -5.19 -16.09
N ARG A 11 18.21 -5.44 -14.80
CA ARG A 11 18.81 -4.44 -13.93
C ARG A 11 20.20 -4.05 -14.43
N THR A 12 20.88 -5.01 -15.06
CA THR A 12 22.21 -4.79 -15.63
C THR A 12 22.20 -3.80 -16.82
N ASP A 13 21.03 -3.43 -17.32
CA ASP A 13 20.95 -2.44 -18.41
C ASP A 13 21.30 -1.05 -17.88
N ILE A 14 21.22 -0.91 -16.57
CA ILE A 14 21.45 0.37 -15.91
C ILE A 14 22.69 0.35 -15.02
N THR A 15 23.42 1.45 -14.95
CA THR A 15 24.46 1.55 -13.93
C THR A 15 24.13 2.76 -13.08
N MET A 16 24.13 2.58 -11.76
CA MET A 16 23.96 3.70 -10.84
C MET A 16 25.18 4.61 -10.84
N LYS A 17 24.98 5.93 -10.93
CA LYS A 17 26.13 6.83 -10.97
C LYS A 17 26.27 7.66 -9.69
N HIS A 18 25.16 8.23 -9.23
CA HIS A 18 25.16 9.04 -8.00
C HIS A 18 23.88 8.80 -7.23
N LYS A 19 23.97 8.71 -5.91
CA LYS A 19 22.73 8.66 -5.13
C LYS A 19 22.21 10.08 -4.98
N LEU A 20 20.88 10.25 -5.04
CA LEU A 20 20.30 11.59 -5.06
C LEU A 20 19.77 11.96 -3.68
N GLY A 23 17.67 13.04 0.27
CA GLY A 23 16.85 11.87 0.01
C GLY A 23 15.40 12.04 0.43
N GLY A 26 16.83 9.13 -1.53
CA GLY A 26 15.59 8.55 -1.03
C GLY A 26 15.31 7.28 -1.79
N GLU A 27 16.32 6.43 -1.86
CA GLU A 27 16.37 5.24 -2.71
C GLU A 27 16.24 5.68 -4.17
N VAL A 28 16.64 6.91 -4.46
CA VAL A 28 16.58 7.45 -5.81
C VAL A 28 17.97 7.74 -6.32
N TYR A 29 18.28 7.19 -7.48
CA TYR A 29 19.60 7.36 -8.03
C TYR A 29 19.60 8.04 -9.38
N GLU A 30 20.64 8.81 -9.63
CA GLU A 30 21.00 9.17 -10.98
C GLU A 30 21.71 7.96 -11.60
N GLY A 31 21.21 7.47 -12.73
CA GLY A 31 21.76 6.29 -13.34
C GLY A 31 22.06 6.52 -14.80
N VAL A 32 22.68 5.53 -15.42
CA VAL A 32 22.89 5.57 -16.84
C VAL A 32 22.30 4.33 -17.49
N TRP A 33 21.43 4.56 -18.45
CA TRP A 33 20.95 3.52 -19.34
C TRP A 33 22.03 3.30 -20.38
N LYS A 34 22.79 2.21 -20.25
CA LYS A 34 24.08 2.18 -20.91
C LYS A 34 24.02 2.10 -22.42
N LYS A 35 23.06 1.37 -22.99
CA LYS A 35 22.99 1.26 -24.44
C LYS A 35 22.66 2.56 -25.16
N TYR A 36 22.07 3.51 -24.44
CA TYR A 36 21.78 4.82 -25.01
C TYR A 36 22.64 5.92 -24.40
N SER A 37 23.56 5.54 -23.52
CA SER A 37 24.37 6.48 -22.71
C SER A 37 23.49 7.58 -22.15
N LEU A 38 22.32 7.18 -21.68
CA LEU A 38 21.30 8.12 -21.25
C LEU A 38 21.26 8.26 -19.74
N THR A 39 21.29 9.49 -19.25
CA THR A 39 21.10 9.70 -17.83
C THR A 39 19.62 9.52 -17.49
N VAL A 40 19.36 8.72 -16.46
CA VAL A 40 18.01 8.37 -16.06
C VAL A 40 17.91 8.49 -14.55
N ALA A 41 16.70 8.61 -14.01
CA ALA A 41 16.48 8.52 -12.58
C ALA A 41 16.00 7.12 -12.27
N VAL A 42 16.48 6.54 -11.18
CA VAL A 42 16.10 5.19 -10.83
C VAL A 42 15.59 5.18 -9.41
N LYS A 43 14.35 4.74 -9.25
CA LYS A 43 13.81 4.55 -7.91
C LYS A 43 13.88 3.07 -7.56
N THR A 44 14.49 2.75 -6.43
CA THR A 44 14.64 1.37 -6.04
C THR A 44 13.78 1.11 -4.82
N LEU A 45 13.64 -0.16 -4.47
CA LEU A 45 12.93 -0.54 -3.26
C LEU A 45 13.91 -1.32 -2.38
N LYS A 46 14.16 -0.78 -1.20
CA LYS A 46 15.07 -1.42 -0.24
C LYS A 46 14.32 -2.27 0.79
N MET A 50 8.36 1.41 1.56
CA MET A 50 6.99 1.05 1.20
C MET A 50 6.88 -0.44 0.91
N GLU A 51 5.65 -0.92 0.71
CA GLU A 51 5.44 -2.34 0.48
C GLU A 51 5.62 -2.69 -0.99
N VAL A 52 6.05 -3.92 -1.25
CA VAL A 52 6.35 -4.38 -2.61
C VAL A 52 5.17 -4.20 -3.57
N GLU A 53 4.01 -4.70 -3.19
CA GLU A 53 2.83 -4.62 -4.04
C GLU A 53 2.47 -3.15 -4.35
N GLU A 54 2.67 -2.28 -3.39
CA GLU A 54 2.43 -0.85 -3.58
C GLU A 54 3.38 -0.28 -4.62
N PHE A 55 4.64 -0.69 -4.52
CA PHE A 55 5.67 -0.25 -5.44
C PHE A 55 5.37 -0.72 -6.86
N LEU A 56 5.02 -2.00 -6.98
CA LEU A 56 4.74 -2.57 -8.28
C LEU A 56 3.50 -1.91 -8.90
N LYS A 57 2.51 -1.56 -8.09
CA LYS A 57 1.33 -0.94 -8.67
C LYS A 57 1.65 0.50 -9.10
N GLU A 58 2.55 1.15 -8.37
CA GLU A 58 2.97 2.50 -8.76
C GLU A 58 3.66 2.43 -10.13
N ALA A 59 4.46 1.39 -10.37
CA ALA A 59 5.06 1.19 -11.69
C ALA A 59 3.98 0.96 -12.75
N ALA A 60 2.97 0.17 -12.39
CA ALA A 60 1.90 -0.17 -13.30
C ALA A 60 1.14 1.06 -13.76
N VAL A 61 0.84 1.96 -12.82
CA VAL A 61 0.14 3.19 -13.13
C VAL A 61 0.96 4.07 -14.06
N MET A 62 2.26 4.16 -13.79
CA MET A 62 3.13 5.03 -14.57
C MET A 62 3.22 4.59 -16.03
N LYS A 63 3.00 3.30 -16.29
CA LYS A 63 3.00 2.78 -17.65
C LYS A 63 1.88 3.40 -18.49
N GLU A 64 0.82 3.86 -17.84
CA GLU A 64 -0.32 4.37 -18.56
C GLU A 64 -0.23 5.87 -18.80
N ILE A 65 0.76 6.50 -18.18
CA ILE A 65 0.86 7.95 -18.19
C ILE A 65 1.72 8.41 -19.35
N LYS A 66 1.18 9.28 -20.19
CA LYS A 66 1.98 9.84 -21.27
C LYS A 66 1.60 11.29 -21.47
N HIS A 67 2.46 12.19 -21.00
CA HIS A 67 2.18 13.61 -21.12
C HIS A 67 3.49 14.37 -21.02
N PRO A 68 3.63 15.44 -21.80
CA PRO A 68 4.88 16.22 -21.80
C PRO A 68 5.25 16.80 -20.44
N ASN A 69 4.28 17.00 -19.56
CA ASN A 69 4.62 17.57 -18.26
C ASN A 69 4.41 16.62 -17.10
N LEU A 70 4.41 15.34 -17.40
CA LEU A 70 4.48 14.32 -16.37
C LEU A 70 5.77 13.51 -16.60
N VAL A 71 6.50 13.26 -15.52
CA VAL A 71 7.77 12.53 -15.64
C VAL A 71 7.56 11.18 -16.36
N GLN A 72 8.32 10.95 -17.41
CA GLN A 72 8.08 9.79 -18.26
C GLN A 72 8.78 8.53 -17.76
N LEU A 73 8.01 7.46 -17.58
CA LEU A 73 8.55 6.13 -17.31
C LEU A 73 9.38 5.63 -18.51
N LEU A 74 10.54 5.03 -18.22
CA LEU A 74 11.37 4.49 -19.29
C LEU A 74 11.43 2.99 -19.23
N GLY A 75 11.36 2.43 -18.04
CA GLY A 75 11.45 0.99 -17.89
C GLY A 75 11.24 0.61 -16.44
N VAL A 76 11.07 -0.69 -16.22
CA VAL A 76 10.95 -1.20 -14.88
C VAL A 76 11.74 -2.51 -14.78
N CYS A 77 12.21 -2.83 -13.58
CA CYS A 77 12.81 -4.14 -13.30
C CYS A 77 11.97 -4.76 -12.20
N THR A 78 11.04 -5.63 -12.58
CA THR A 78 10.06 -6.13 -11.59
C THR A 78 9.92 -7.64 -11.51
N ARG A 79 10.93 -8.36 -11.99
CA ARG A 79 10.92 -9.80 -11.96
C ARG A 79 11.52 -10.28 -10.65
N GLU A 80 12.70 -9.77 -10.33
CA GLU A 80 13.41 -10.17 -9.12
C GLU A 80 14.01 -8.96 -8.42
N PRO A 81 13.95 -8.96 -7.09
CA PRO A 81 14.57 -7.94 -6.22
C PRO A 81 16.05 -7.78 -6.48
N PRO A 82 16.57 -6.54 -6.39
CA PRO A 82 15.78 -5.35 -6.05
C PRO A 82 14.99 -4.80 -7.24
N PHE A 83 13.82 -4.22 -6.96
CA PHE A 83 12.97 -3.70 -8.02
C PHE A 83 13.38 -2.28 -8.38
N TYR A 84 13.35 -1.98 -9.67
CA TYR A 84 13.66 -0.65 -10.18
C TYR A 84 12.48 -0.06 -10.92
N ILE A 85 12.31 1.25 -10.76
CA ILE A 85 11.49 2.03 -11.67
C ILE A 85 12.41 3.06 -12.31
N ILE A 86 12.51 3.05 -13.64
CA ILE A 86 13.44 3.95 -14.32
C ILE A 86 12.68 5.05 -15.07
N THR A 87 13.02 6.31 -14.82
CA THR A 87 12.33 7.41 -15.49
C THR A 87 13.33 8.36 -16.08
N GLU A 88 12.82 9.31 -16.88
CA GLU A 88 13.67 10.34 -17.40
C GLU A 88 14.23 11.16 -16.25
N PHE A 89 15.39 11.74 -16.50
CA PHE A 89 16.08 12.54 -15.53
C PHE A 89 15.89 14.02 -15.84
N MET A 90 15.49 14.78 -14.82
CA MET A 90 15.26 16.22 -14.96
C MET A 90 16.43 16.96 -14.36
N THR A 91 17.24 17.56 -15.21
CA THR A 91 18.59 17.97 -14.86
C THR A 91 18.66 18.96 -13.70
N TYR A 92 17.66 19.82 -13.53
CA TYR A 92 17.73 20.85 -12.48
C TYR A 92 17.09 20.47 -11.15
N GLY A 93 16.55 19.26 -11.04
CA GLY A 93 16.02 18.83 -9.76
C GLY A 93 14.68 19.46 -9.43
N ASN A 94 14.34 19.52 -8.15
CA ASN A 94 12.99 19.91 -7.79
C ASN A 94 12.78 21.41 -7.95
N LEU A 95 11.54 21.77 -8.24
CA LEU A 95 11.15 23.14 -8.52
C LEU A 95 11.31 24.09 -7.34
N LEU A 96 11.12 23.56 -6.13
CA LEU A 96 11.22 24.40 -4.95
C LEU A 96 12.62 25.00 -4.82
N ASP A 97 13.64 24.14 -4.83
CA ASP A 97 15.02 24.61 -4.73
C ASP A 97 15.43 25.41 -5.96
N TYR A 98 14.87 25.07 -7.11
CA TYR A 98 15.15 25.80 -8.34
C TYR A 98 14.71 27.26 -8.24
N LEU A 99 13.50 27.47 -7.74
CA LEU A 99 12.98 28.83 -7.59
C LEU A 99 13.74 29.59 -6.52
N ARG A 100 14.11 28.91 -5.46
CA ARG A 100 14.82 29.55 -4.37
C ARG A 100 16.21 30.02 -4.80
N GLU A 101 16.79 29.31 -5.74
CA GLU A 101 18.17 29.55 -6.09
C GLU A 101 18.32 30.26 -7.42
N CYS A 102 17.22 30.54 -8.11
CA CYS A 102 17.34 31.05 -9.48
C CYS A 102 17.74 32.52 -9.57
N ASN A 103 18.16 32.89 -10.76
CA ASN A 103 18.30 34.27 -11.18
C ASN A 103 16.91 34.75 -11.56
N ARG A 104 16.33 35.66 -10.78
CA ARG A 104 14.95 36.05 -11.03
C ARG A 104 14.80 36.98 -12.25
N GLN A 105 15.88 37.55 -12.75
CA GLN A 105 15.82 38.28 -14.01
C GLN A 105 15.56 37.32 -15.17
N GLU A 106 16.11 36.11 -15.09
CA GLU A 106 15.84 35.05 -16.07
C GLU A 106 14.51 34.37 -15.80
N VAL A 107 14.32 33.91 -14.57
CA VAL A 107 13.06 33.29 -14.17
C VAL A 107 12.13 34.39 -13.73
N ASN A 108 11.59 35.14 -14.71
CA ASN A 108 10.81 36.32 -14.42
C ASN A 108 9.33 35.99 -14.47
N ALA A 109 8.47 37.01 -14.48
CA ALA A 109 7.03 36.79 -14.39
C ALA A 109 6.49 35.91 -15.52
N VAL A 110 6.99 36.08 -16.73
CA VAL A 110 6.45 35.26 -17.81
C VAL A 110 6.89 33.81 -17.64
N VAL A 111 8.09 33.59 -17.10
CA VAL A 111 8.52 32.22 -16.88
C VAL A 111 7.64 31.60 -15.79
N LEU A 112 7.29 32.36 -14.75
CA LEU A 112 6.42 31.78 -13.71
C LEU A 112 5.08 31.37 -14.28
N LEU A 113 4.53 32.18 -15.20
CA LEU A 113 3.28 31.83 -15.86
C LEU A 113 3.43 30.57 -16.71
N TYR A 114 4.56 30.48 -17.40
CA TYR A 114 4.86 29.32 -18.22
C TYR A 114 4.91 28.07 -17.35
N MET A 115 5.55 28.17 -16.19
CA MET A 115 5.62 27.02 -15.28
C MET A 115 4.26 26.58 -14.78
N ALA A 116 3.43 27.55 -14.42
CA ALA A 116 2.07 27.26 -13.97
C ALA A 116 1.24 26.66 -15.08
N THR A 117 1.42 27.14 -16.30
CA THR A 117 0.68 26.60 -17.43
C THR A 117 1.04 25.12 -17.65
N GLN A 118 2.33 24.82 -17.55
CA GLN A 118 2.79 23.44 -17.72
C GLN A 118 2.23 22.51 -16.67
N ILE A 119 2.25 22.95 -15.43
CA ILE A 119 1.78 22.11 -14.34
C ILE A 119 0.29 21.90 -14.46
N SER A 120 -0.45 22.95 -14.83
CA SER A 120 -1.91 22.80 -14.94
C SER A 120 -2.26 21.94 -16.13
N SER A 121 -1.42 21.95 -17.16
CA SER A 121 -1.61 21.04 -18.28
C SER A 121 -1.50 19.57 -17.84
N ALA A 122 -0.49 19.25 -17.03
CA ALA A 122 -0.35 17.90 -16.48
C ALA A 122 -1.56 17.52 -15.63
N MET A 123 -2.01 18.44 -14.78
CA MET A 123 -3.12 18.14 -13.88
C MET A 123 -4.44 18.03 -14.66
N GLU A 124 -4.56 18.77 -15.75
CA GLU A 124 -5.72 18.61 -16.60
C GLU A 124 -5.75 17.21 -17.21
N TYR A 125 -4.59 16.73 -17.60
CA TYR A 125 -4.49 15.38 -18.16
C TYR A 125 -4.88 14.33 -17.12
N LEU A 126 -4.37 14.46 -15.90
CA LEU A 126 -4.72 13.52 -14.83
C LEU A 126 -6.20 13.55 -14.53
N GLU A 127 -6.74 14.76 -14.48
CA GLU A 127 -8.17 14.97 -14.26
C GLU A 127 -8.97 14.20 -15.30
N LYS A 128 -8.54 14.31 -16.53
CA LYS A 128 -9.21 13.65 -17.64
C LYS A 128 -9.05 12.13 -17.59
N LYS A 129 -7.90 11.66 -17.08
CA LYS A 129 -7.62 10.23 -17.05
C LYS A 129 -7.99 9.52 -15.73
N ASN A 130 -8.74 10.20 -14.87
CA ASN A 130 -9.18 9.63 -13.60
C ASN A 130 -8.03 9.23 -12.67
N PHE A 131 -7.05 10.11 -12.54
CA PHE A 131 -6.03 9.96 -11.52
C PHE A 131 -6.11 11.14 -10.57
N ILE A 132 -5.61 10.96 -9.35
CA ILE A 132 -5.34 12.09 -8.47
C ILE A 132 -3.89 11.99 -8.07
N HIS A 133 -3.31 13.10 -7.64
CA HIS A 133 -1.91 13.11 -7.30
C HIS A 133 -1.72 13.06 -5.77
N ARG A 134 -2.42 13.94 -5.05
CA ARG A 134 -2.41 13.88 -3.57
C ARG A 134 -1.12 14.38 -2.89
N ASP A 135 -0.08 14.74 -3.65
CA ASP A 135 1.02 15.48 -3.02
C ASP A 135 1.58 16.52 -3.98
N LEU A 136 0.67 17.35 -4.49
CA LEU A 136 1.05 18.39 -5.41
C LEU A 136 1.70 19.52 -4.63
N ALA A 137 2.94 19.84 -4.99
CA ALA A 137 3.72 20.83 -4.25
C ALA A 137 4.99 21.08 -5.06
N ALA A 138 5.62 22.23 -4.86
CA ALA A 138 6.80 22.57 -5.61
C ALA A 138 7.90 21.53 -5.46
N ARG A 139 8.03 20.96 -4.26
CA ARG A 139 9.06 19.94 -4.00
C ARG A 139 8.88 18.67 -4.88
N ASN A 140 7.68 18.47 -5.39
CA ASN A 140 7.40 17.30 -6.22
C ASN A 140 7.19 17.64 -7.69
N CYS A 141 7.68 18.80 -8.09
CA CYS A 141 7.79 19.14 -9.50
C CYS A 141 9.26 19.17 -9.82
N LEU A 142 9.59 18.86 -11.06
CA LEU A 142 10.98 18.76 -11.45
C LEU A 142 11.21 19.65 -12.63
N VAL A 143 12.43 20.16 -12.74
CA VAL A 143 12.75 21.17 -13.74
C VAL A 143 13.82 20.69 -14.68
N GLY A 144 13.57 20.85 -15.98
CA GLY A 144 14.59 20.53 -16.98
C GLY A 144 15.07 21.81 -17.65
N GLU A 145 15.83 21.68 -18.73
CA GLU A 145 16.31 22.86 -19.45
C GLU A 145 15.18 23.71 -19.98
N ASN A 146 15.46 25.00 -20.11
CA ASN A 146 14.52 25.98 -20.64
C ASN A 146 13.18 26.00 -19.92
N HIS A 147 13.24 25.86 -18.59
CA HIS A 147 12.10 25.99 -17.71
C HIS A 147 11.02 24.98 -17.99
N LEU A 148 11.41 23.85 -18.53
CA LEU A 148 10.50 22.72 -18.65
C LEU A 148 10.18 22.23 -17.24
N VAL A 149 8.89 22.09 -16.92
CA VAL A 149 8.53 21.58 -15.60
C VAL A 149 7.72 20.31 -15.79
N LYS A 150 8.05 19.29 -15.01
CA LYS A 150 7.25 18.08 -15.00
C LYS A 150 6.81 17.73 -13.60
N VAL A 151 5.60 17.24 -13.50
CA VAL A 151 5.08 16.80 -12.24
C VAL A 151 5.54 15.37 -12.03
N ALA A 152 6.09 15.10 -10.85
CA ALA A 152 6.42 13.74 -10.48
C ALA A 152 5.14 12.93 -10.32
N ASP A 153 5.11 11.73 -10.88
CA ASP A 153 3.89 10.94 -10.91
C ASP A 153 4.06 9.56 -10.29
N PHE A 154 4.83 9.47 -9.21
CA PHE A 154 5.11 8.18 -8.59
C PHE A 154 4.07 7.82 -7.53
N GLY A 155 3.29 8.81 -7.09
CA GLY A 155 2.28 8.56 -6.08
C GLY A 155 0.84 8.51 -6.56
N LEU A 156 0.66 8.48 -7.88
CA LEU A 156 -0.68 8.59 -8.46
C LEU A 156 -1.63 7.48 -8.00
N SER A 157 -2.88 7.85 -7.79
CA SER A 157 -3.90 6.88 -7.44
C SER A 157 -5.00 6.96 -8.48
N ARG A 158 -5.59 5.81 -8.79
CA ARG A 158 -6.75 5.78 -9.66
C ARG A 158 -7.96 6.22 -8.86
N LEU A 159 -8.75 7.11 -9.43
CA LEU A 159 -9.94 7.60 -8.79
C LEU A 159 -10.79 8.23 -9.85
N MET A 160 -11.98 7.67 -10.10
CA MET A 160 -12.87 8.26 -11.08
C MET A 160 -13.13 9.69 -10.65
N THR A 161 -12.88 10.64 -11.56
CA THR A 161 -12.91 12.08 -11.26
C THR A 161 -14.11 12.56 -10.42
N GLY A 162 -15.25 11.90 -10.56
CA GLY A 162 -16.38 12.25 -9.72
C GLY A 162 -16.33 11.72 -8.29
N ASP A 163 -15.27 11.01 -7.92
CA ASP A 163 -15.27 10.30 -6.63
C ASP A 163 -14.25 10.77 -5.59
N THR A 164 -14.35 10.18 -4.41
CA THR A 164 -13.53 10.58 -3.28
C THR A 164 -12.70 9.43 -2.72
N PTR A 165 -11.43 9.69 -2.49
CA PTR A 165 -10.55 8.71 -1.85
C PTR A 165 -10.46 9.02 -0.37
O PTR A 165 -10.30 10.17 0.05
CB PTR A 165 -9.16 8.71 -2.54
CG PTR A 165 -8.08 8.06 -1.69
CD1 PTR A 165 -7.27 8.84 -0.90
CD2 PTR A 165 -7.90 6.68 -1.68
CE1 PTR A 165 -6.30 8.27 -0.11
CE2 PTR A 165 -6.90 6.10 -0.88
CZ PTR A 165 -6.11 6.92 -0.11
OH PTR A 165 -5.17 6.47 0.70
P PTR A 165 -4.08 5.35 0.36
O1P PTR A 165 -4.69 3.95 0.51
O2P PTR A 165 -2.99 5.56 1.35
O3P PTR A 165 -3.55 5.54 -1.07
N THR A 166 -10.58 7.99 0.46
CA THR A 166 -10.45 8.19 1.90
C THR A 166 -9.12 7.63 2.35
N ALA A 167 -8.26 8.50 2.86
CA ALA A 167 -6.92 8.07 3.27
C ALA A 167 -6.99 7.14 4.45
N HIS A 168 -6.02 6.25 4.55
CA HIS A 168 -5.99 5.29 5.65
C HIS A 168 -5.96 5.98 7.00
N ALA A 169 -6.55 5.32 7.98
CA ALA A 169 -6.63 5.84 9.34
C ALA A 169 -5.22 6.16 9.88
N GLY A 170 -5.10 7.32 10.51
CA GLY A 170 -3.84 7.77 11.08
C GLY A 170 -2.82 8.33 10.08
N ALA A 171 -3.27 8.60 8.86
CA ALA A 171 -2.36 9.12 7.86
C ALA A 171 -1.90 10.51 8.26
N LYS A 172 -0.64 10.84 7.98
CA LYS A 172 -0.08 12.15 8.25
C LYS A 172 0.07 12.95 6.95
N PHE A 173 -0.39 14.21 6.97
CA PHE A 173 -0.41 15.07 5.78
C PHE A 173 0.66 16.16 5.81
N PRO A 174 1.06 16.69 4.63
CA PRO A 174 1.68 18.03 4.54
C PRO A 174 0.60 19.09 4.73
N ILE A 175 0.38 19.44 5.98
CA ILE A 175 -0.79 20.20 6.39
C ILE A 175 -1.04 21.47 5.57
N LYS A 176 0.02 22.25 5.31
CA LYS A 176 -0.15 23.54 4.63
C LYS A 176 -0.45 23.46 3.13
N TRP A 177 -0.41 22.27 2.57
CA TRP A 177 -0.79 22.02 1.17
C TRP A 177 -2.13 21.27 1.10
N THR A 178 -2.68 20.96 2.26
CA THR A 178 -3.75 19.97 2.29
C THR A 178 -5.13 20.63 2.36
N ALA A 179 -6.05 20.20 1.50
CA ALA A 179 -7.42 20.74 1.49
C ALA A 179 -8.15 20.49 2.82
N PRO A 180 -9.08 21.39 3.17
CA PRO A 180 -9.84 21.28 4.43
C PRO A 180 -10.53 19.93 4.60
N GLU A 181 -11.15 19.45 3.54
CA GLU A 181 -11.86 18.18 3.63
C GLU A 181 -10.87 17.02 3.85
N SER A 182 -9.61 17.20 3.44
CA SER A 182 -8.63 16.15 3.66
C SER A 182 -8.16 16.20 5.10
N LEU A 183 -7.91 17.41 5.59
CA LEU A 183 -7.52 17.61 6.99
C LEU A 183 -8.56 17.09 7.96
N ALA A 184 -9.81 17.36 7.68
CA ALA A 184 -10.86 17.04 8.64
C ALA A 184 -11.36 15.60 8.53
N TYR A 185 -11.43 15.10 7.30
CA TYR A 185 -12.13 13.84 7.06
C TYR A 185 -11.28 12.83 6.29
N ASN A 186 -10.01 13.16 6.05
CA ASN A 186 -9.13 12.28 5.28
C ASN A 186 -9.67 12.02 3.88
N LYS A 187 -10.42 12.98 3.33
CA LYS A 187 -11.02 12.80 2.01
C LYS A 187 -10.25 13.56 0.95
N PHE A 188 -9.99 12.87 -0.15
CA PHE A 188 -9.26 13.43 -1.26
C PHE A 188 -10.01 13.25 -2.56
N SER A 189 -9.95 14.26 -3.42
CA SER A 189 -10.52 14.15 -4.75
C SER A 189 -9.67 15.00 -5.68
N ILE A 190 -10.04 15.06 -6.95
CA ILE A 190 -9.31 15.95 -7.85
C ILE A 190 -9.43 17.41 -7.38
N LYS A 191 -10.51 17.73 -6.67
CA LYS A 191 -10.66 19.10 -6.14
C LYS A 191 -9.72 19.39 -5.00
N SER A 192 -9.28 18.37 -4.27
CA SER A 192 -8.26 18.61 -3.26
C SER A 192 -6.91 18.78 -3.94
N ASP A 193 -6.71 18.20 -5.11
CA ASP A 193 -5.53 18.51 -5.92
C ASP A 193 -5.60 19.98 -6.39
N VAL A 194 -6.79 20.46 -6.71
CA VAL A 194 -6.96 21.85 -7.12
C VAL A 194 -6.54 22.79 -5.98
N TRP A 195 -6.95 22.44 -4.76
CA TRP A 195 -6.54 23.22 -3.58
C TRP A 195 -5.02 23.26 -3.49
N ALA A 196 -4.40 22.09 -3.58
CA ALA A 196 -2.94 22.01 -3.49
C ALA A 196 -2.29 22.79 -4.62
N PHE A 197 -2.89 22.76 -5.81
CA PHE A 197 -2.36 23.55 -6.92
C PHE A 197 -2.33 25.03 -6.57
N GLY A 198 -3.38 25.51 -5.89
CA GLY A 198 -3.40 26.89 -5.44
C GLY A 198 -2.21 27.22 -4.56
N VAL A 199 -1.87 26.32 -3.63
CA VAL A 199 -0.73 26.55 -2.77
C VAL A 199 0.57 26.51 -3.59
N LEU A 200 0.64 25.58 -4.54
CA LEU A 200 1.78 25.47 -5.45
C LEU A 200 1.93 26.77 -6.22
N LEU A 201 0.81 27.35 -6.64
CA LEU A 201 0.87 28.65 -7.31
C LEU A 201 1.48 29.71 -6.43
N TRP A 202 1.12 29.66 -5.16
CA TRP A 202 1.66 30.63 -4.21
C TRP A 202 3.18 30.41 -4.05
N GLU A 203 3.60 29.15 -3.97
CA GLU A 203 5.03 28.83 -3.90
C GLU A 203 5.78 29.37 -5.10
N ILE A 204 5.19 29.21 -6.28
CA ILE A 204 5.80 29.74 -7.50
C ILE A 204 5.88 31.26 -7.44
N ALA A 205 4.78 31.91 -7.08
CA ALA A 205 4.74 33.36 -7.05
C ALA A 205 5.72 33.96 -6.05
N THR A 206 6.02 33.22 -5.00
CA THR A 206 6.93 33.73 -3.98
C THR A 206 8.36 33.20 -4.19
N TYR A 207 8.58 32.54 -5.31
CA TYR A 207 9.87 31.89 -5.59
C TYR A 207 10.25 30.94 -4.45
N GLY A 208 9.28 30.17 -3.97
CA GLY A 208 9.59 29.09 -3.08
C GLY A 208 9.61 29.43 -1.60
N MET A 209 8.83 30.42 -1.21
CA MET A 209 8.63 30.68 0.22
C MET A 209 7.78 29.57 0.83
N SER A 210 7.93 29.33 2.13
CA SER A 210 7.09 28.36 2.83
C SER A 210 5.74 28.99 3.10
N PRO A 211 4.65 28.26 2.81
CA PRO A 211 3.25 28.73 2.93
C PRO A 211 2.83 29.05 4.36
N TYR A 212 1.83 29.92 4.53
CA TYR A 212 1.33 30.31 5.87
C TYR A 212 2.48 30.57 6.83
N PRO A 213 3.38 31.47 6.46
CA PRO A 213 4.62 31.58 7.25
C PRO A 213 4.36 31.89 8.71
N GLY A 214 4.98 31.08 9.58
CA GLY A 214 4.93 31.28 11.02
C GLY A 214 3.67 30.73 11.65
N ILE A 215 2.72 30.31 10.83
CA ILE A 215 1.45 29.87 11.38
C ILE A 215 1.56 28.45 11.91
N ASP A 216 1.23 28.29 13.17
CA ASP A 216 1.27 27.00 13.86
C ASP A 216 0.42 25.98 13.14
N LEU A 217 1.01 24.83 12.83
CA LEU A 217 0.32 23.80 12.08
C LEU A 217 -1.01 23.33 12.67
N SER A 218 -1.11 23.32 14.00
CA SER A 218 -2.31 22.81 14.63
C SER A 218 -3.49 23.78 14.50
N GLN A 219 -3.20 25.01 14.09
CA GLN A 219 -4.25 26.02 13.91
C GLN A 219 -4.60 26.30 12.44
N VAL A 220 -3.92 25.64 11.52
CA VAL A 220 -4.17 25.89 10.11
C VAL A 220 -5.62 25.61 9.76
N TYR A 221 -6.11 24.44 10.15
CA TYR A 221 -7.47 24.07 9.83
C TYR A 221 -8.48 25.08 10.41
N GLU A 222 -8.30 25.45 11.68
CA GLU A 222 -9.21 26.38 12.34
C GLU A 222 -9.29 27.71 11.60
N LEU A 223 -8.13 28.17 11.15
CA LEU A 223 -8.04 29.39 10.36
C LEU A 223 -8.76 29.28 9.02
N LEU A 224 -8.51 28.21 8.30
CA LEU A 224 -9.16 28.00 7.02
C LEU A 224 -10.69 27.99 7.14
N GLU A 225 -11.23 27.35 8.18
CA GLU A 225 -12.69 27.30 8.29
C GLU A 225 -13.27 28.69 8.55
N LYS A 226 -12.48 29.59 9.13
CA LYS A 226 -12.95 30.96 9.35
C LYS A 226 -12.55 31.89 8.19
N ASP A 227 -12.24 31.27 7.06
CA ASP A 227 -11.97 31.91 5.78
C ASP A 227 -10.64 32.68 5.77
N TYR A 228 -9.71 32.32 6.63
CA TYR A 228 -8.36 32.85 6.47
C TYR A 228 -7.70 32.22 5.25
N ARG A 229 -7.07 33.05 4.42
CA ARG A 229 -6.28 32.54 3.29
C ARG A 229 -5.01 33.37 3.20
N MET A 230 -3.94 32.79 2.65
CA MET A 230 -2.72 33.57 2.41
C MET A 230 -2.99 34.80 1.58
N GLU A 231 -2.28 35.87 1.90
CA GLU A 231 -2.47 37.13 1.20
C GLU A 231 -1.71 37.09 -0.10
N ARG A 232 -2.04 38.03 -0.98
CA ARG A 232 -1.40 38.12 -2.27
C ARG A 232 0.09 38.39 -2.11
N PRO A 233 0.93 37.51 -2.69
CA PRO A 233 2.38 37.71 -2.64
C PRO A 233 2.81 38.99 -3.33
N GLU A 234 3.89 39.60 -2.87
CA GLU A 234 4.44 40.78 -3.52
C GLU A 234 4.72 40.49 -5.00
N GLY A 235 4.30 41.39 -5.88
CA GLY A 235 4.55 41.23 -7.30
C GLY A 235 3.58 40.32 -8.04
N CYS A 236 2.77 39.57 -7.28
CA CYS A 236 1.83 38.65 -7.90
C CYS A 236 0.69 39.37 -8.60
N PRO A 237 0.48 39.07 -9.89
CA PRO A 237 -0.63 39.65 -10.67
C PRO A 237 -1.97 39.34 -10.03
N GLU A 238 -2.90 40.28 -10.05
CA GLU A 238 -4.20 40.08 -9.43
C GLU A 238 -4.93 38.87 -9.99
N LYS A 239 -4.88 38.70 -11.31
CA LYS A 239 -5.53 37.56 -11.94
C LYS A 239 -5.00 36.21 -11.46
N VAL A 240 -3.69 36.12 -11.20
CA VAL A 240 -3.13 34.89 -10.67
C VAL A 240 -3.62 34.68 -9.24
N TYR A 241 -3.64 35.75 -8.44
CA TYR A 241 -4.12 35.63 -7.08
C TYR A 241 -5.59 35.24 -7.01
N GLU A 242 -6.39 35.77 -7.92
CA GLU A 242 -7.80 35.40 -7.99
C GLU A 242 -7.94 33.90 -8.25
N LEU A 243 -7.07 33.38 -9.09
CA LEU A 243 -7.05 31.95 -9.35
C LEU A 243 -6.67 31.15 -8.13
N MET A 244 -5.65 31.62 -7.39
CA MET A 244 -5.30 30.99 -6.12
C MET A 244 -6.51 30.93 -5.22
N ARG A 245 -7.20 32.05 -5.11
CA ARG A 245 -8.34 32.14 -4.19
C ARG A 245 -9.50 31.23 -4.64
N ALA A 246 -9.68 31.07 -5.94
CA ALA A 246 -10.70 30.14 -6.45
C ALA A 246 -10.34 28.69 -6.06
N CYS A 247 -9.06 28.35 -6.17
CA CYS A 247 -8.58 27.03 -5.77
C CYS A 247 -8.82 26.80 -4.31
N TRP A 248 -8.85 27.86 -3.52
CA TRP A 248 -8.99 27.69 -2.09
C TRP A 248 -10.40 27.94 -1.58
N GLN A 249 -11.40 27.75 -2.43
CA GLN A 249 -12.79 27.80 -1.98
C GLN A 249 -13.00 26.65 -1.00
N TRP A 250 -13.75 26.91 0.05
CA TRP A 250 -14.01 25.91 1.09
C TRP A 250 -14.70 24.69 0.52
N ASN A 251 -15.75 24.93 -0.26
CA ASN A 251 -16.54 23.85 -0.87
C ASN A 251 -15.82 23.34 -2.11
N PRO A 252 -15.39 22.07 -2.09
CA PRO A 252 -14.64 21.47 -3.21
C PRO A 252 -15.32 21.67 -4.57
N SER A 253 -16.64 21.58 -4.62
CA SER A 253 -17.34 21.72 -5.89
C SER A 253 -17.35 23.17 -6.40
N ASP A 254 -17.02 24.15 -5.53
CA ASP A 254 -16.88 25.53 -5.99
C ASP A 254 -15.50 25.78 -6.63
N ARG A 255 -14.55 24.86 -6.45
CA ARG A 255 -13.22 25.08 -7.01
C ARG A 255 -13.24 24.81 -8.52
N PRO A 256 -12.44 25.55 -9.28
CA PRO A 256 -12.43 25.30 -10.73
C PRO A 256 -11.81 23.94 -11.06
N SER A 257 -12.17 23.39 -12.21
CA SER A 257 -11.52 22.21 -12.71
C SER A 257 -10.14 22.57 -13.23
N PHE A 258 -9.30 21.58 -13.47
CA PHE A 258 -7.98 21.86 -14.00
C PHE A 258 -8.06 22.28 -15.49
N ALA A 259 -9.10 21.85 -16.20
CA ALA A 259 -9.27 22.30 -17.58
C ALA A 259 -9.47 23.83 -17.62
N GLU A 260 -10.27 24.33 -16.68
CA GLU A 260 -10.53 25.77 -16.59
C GLU A 260 -9.28 26.53 -16.13
N ILE A 261 -8.57 25.98 -15.16
CA ILE A 261 -7.34 26.57 -14.66
C ILE A 261 -6.32 26.66 -15.79
N HIS A 262 -6.16 25.55 -16.51
CA HIS A 262 -5.21 25.51 -17.61
C HIS A 262 -5.57 26.50 -18.71
N GLN A 263 -6.85 26.55 -19.08
CA GLN A 263 -7.31 27.52 -20.07
C GLN A 263 -6.98 28.95 -19.66
N ALA A 264 -7.20 29.25 -18.38
CA ALA A 264 -6.93 30.57 -17.83
C ALA A 264 -5.44 30.91 -17.94
N PHE A 265 -4.57 29.97 -17.60
CA PHE A 265 -3.14 30.25 -17.69
C PHE A 265 -2.65 30.31 -19.12
N GLU A 266 -3.21 29.48 -19.99
CA GLU A 266 -2.83 29.50 -21.40
C GLU A 266 -3.09 30.87 -21.99
N THR A 267 -4.24 31.44 -21.66
CA THR A 267 -4.61 32.77 -22.12
C THR A 267 -3.63 33.81 -21.58
N MET A 268 -3.35 33.77 -20.27
CA MET A 268 -2.42 34.71 -19.68
C MET A 268 -1.04 34.60 -20.29
N PHE A 269 -0.55 33.37 -20.45
CA PHE A 269 0.78 33.15 -20.98
C PHE A 269 0.88 33.66 -22.43
N GLN A 270 -0.12 33.34 -23.25
CA GLN A 270 -0.12 33.77 -24.64
C GLN A 270 -0.21 35.30 -24.79
N GLU A 271 -0.91 35.96 -23.88
CA GLU A 271 -1.06 37.41 -23.93
C GLU A 271 0.15 38.14 -23.36
N SER A 272 1.07 37.38 -22.76
CA SER A 272 2.31 37.96 -22.25
C SER A 272 3.40 37.95 -23.33
N TYR B 4 20.03 -19.87 15.52
CA TYR B 4 19.22 -20.36 16.63
C TYR B 4 19.62 -19.70 17.95
N ASP B 5 20.92 -19.68 18.25
CA ASP B 5 21.39 -19.12 19.52
C ASP B 5 21.62 -17.61 19.36
N LYS B 6 21.71 -17.17 18.10
CA LYS B 6 21.68 -15.76 17.75
C LYS B 6 20.28 -15.18 17.96
N TRP B 7 19.30 -16.07 17.95
CA TRP B 7 17.90 -15.72 18.18
C TRP B 7 17.59 -15.61 19.67
N GLU B 8 18.45 -16.23 20.48
CA GLU B 8 18.23 -16.29 21.92
C GLU B 8 18.33 -14.90 22.55
N MET B 9 17.38 -14.59 23.41
CA MET B 9 17.41 -13.37 24.19
C MET B 9 17.23 -13.71 25.66
N GLU B 10 17.57 -12.78 26.53
CA GLU B 10 17.33 -12.99 27.96
C GLU B 10 15.88 -12.62 28.26
N ARG B 11 15.23 -13.40 29.11
CA ARG B 11 13.84 -13.16 29.47
C ARG B 11 13.68 -11.78 30.12
N THR B 12 14.75 -11.34 30.77
CA THR B 12 14.79 -10.06 31.48
C THR B 12 14.63 -8.82 30.60
N ASP B 13 14.87 -8.97 29.30
CA ASP B 13 14.79 -7.83 28.39
C ASP B 13 13.37 -7.39 28.07
N ILE B 14 12.40 -8.26 28.36
CA ILE B 14 11.00 -8.00 28.02
C ILE B 14 10.12 -7.86 29.26
N THR B 15 9.12 -6.98 29.22
CA THR B 15 8.10 -6.91 30.26
C THR B 15 6.74 -7.29 29.70
N MET B 16 6.08 -8.26 30.34
CA MET B 16 4.72 -8.61 29.96
C MET B 16 3.83 -7.43 30.37
N LYS B 17 3.01 -6.92 29.46
CA LYS B 17 2.18 -5.77 29.78
C LYS B 17 0.70 -6.13 29.79
N HIS B 18 0.27 -6.82 28.75
CA HIS B 18 -1.13 -7.22 28.60
C HIS B 18 -1.27 -8.57 27.89
N LYS B 19 -2.26 -9.36 28.27
CA LYS B 19 -2.58 -10.56 27.50
C LYS B 19 -3.34 -10.15 26.24
N LEU B 20 -3.13 -10.86 25.15
CA LEU B 20 -3.65 -10.43 23.85
C LEU B 20 -4.93 -11.13 23.38
N GLY B 21 -5.68 -10.42 22.55
CA GLY B 21 -6.83 -10.98 21.84
C GLY B 21 -8.01 -11.41 22.69
N GLY B 22 -8.03 -10.98 23.95
CA GLY B 22 -9.07 -11.41 24.87
C GLY B 22 -8.99 -12.90 25.14
N GLY B 23 -7.83 -13.48 24.82
CA GLY B 23 -7.60 -14.90 25.02
C GLY B 23 -8.20 -15.78 23.95
N GLN B 24 -8.07 -15.38 22.69
CA GLN B 24 -8.53 -16.23 21.59
C GLN B 24 -7.35 -16.95 20.94
N TYR B 25 -6.13 -16.54 21.29
CA TYR B 25 -4.93 -17.19 20.79
C TYR B 25 -4.19 -17.87 21.94
N GLY B 26 -4.78 -17.81 23.13
CA GLY B 26 -4.26 -18.49 24.30
C GLY B 26 -3.07 -17.84 24.96
N GLU B 27 -1.93 -18.53 24.88
CA GLU B 27 -0.70 -18.22 25.61
C GLU B 27 0.08 -17.01 25.07
N VAL B 28 -0.62 -16.04 24.51
CA VAL B 28 0.05 -14.91 23.85
C VAL B 28 -0.14 -13.57 24.57
N TYR B 29 0.97 -12.92 24.87
CA TYR B 29 0.93 -11.67 25.63
C TYR B 29 1.56 -10.50 24.87
N GLU B 30 1.00 -9.32 25.08
CA GLU B 30 1.59 -8.06 24.66
C GLU B 30 2.77 -7.73 25.56
N GLY B 31 3.94 -7.52 24.98
CA GLY B 31 5.10 -7.21 25.79
C GLY B 31 5.84 -5.98 25.29
N VAL B 32 6.78 -5.50 26.09
CA VAL B 32 7.61 -4.39 25.63
C VAL B 32 9.08 -4.72 25.74
N TRP B 33 9.79 -4.67 24.63
CA TRP B 33 11.25 -4.75 24.63
C TRP B 33 11.83 -3.35 24.90
N LYS B 34 12.18 -3.03 26.16
CA LYS B 34 12.43 -1.63 26.53
C LYS B 34 13.78 -1.14 26.03
N LYS B 35 14.69 -2.05 25.66
CA LYS B 35 15.95 -1.62 25.08
C LYS B 35 15.73 -0.90 23.75
N TYR B 36 14.59 -1.20 23.11
CA TYR B 36 14.15 -0.49 21.91
C TYR B 36 12.84 0.21 22.19
N SER B 37 12.38 0.10 23.42
CA SER B 37 11.04 0.54 23.82
C SER B 37 9.99 0.07 22.80
N LEU B 38 10.19 -1.14 22.31
CA LEU B 38 9.41 -1.69 21.23
C LEU B 38 8.34 -2.64 21.74
N THR B 39 7.12 -2.44 21.29
CA THR B 39 6.04 -3.35 21.63
C THR B 39 6.19 -4.62 20.82
N VAL B 40 6.07 -5.76 21.49
CA VAL B 40 6.25 -7.05 20.84
C VAL B 40 5.12 -7.98 21.23
N ALA B 41 4.93 -9.05 20.46
CA ALA B 41 4.03 -10.11 20.86
C ALA B 41 4.86 -11.23 21.45
N VAL B 42 4.41 -11.80 22.56
CA VAL B 42 5.15 -12.87 23.20
C VAL B 42 4.25 -14.08 23.41
N LYS B 43 4.63 -15.19 22.79
CA LYS B 43 3.95 -16.45 23.03
C LYS B 43 4.77 -17.20 24.05
N THR B 44 4.13 -17.61 25.15
CA THR B 44 4.85 -18.30 26.20
C THR B 44 4.43 -19.76 26.30
N LEU B 45 5.23 -20.55 27.01
CA LEU B 45 4.91 -21.95 27.26
C LEU B 45 5.00 -22.25 28.75
N LYS B 46 3.89 -22.67 29.36
CA LYS B 46 3.87 -23.03 30.76
C LYS B 46 4.07 -24.54 30.94
N VAL B 52 5.61 -29.20 24.56
CA VAL B 52 6.93 -28.56 24.64
C VAL B 52 7.74 -28.81 23.37
N GLU B 53 7.83 -30.09 22.99
CA GLU B 53 8.59 -30.47 21.81
C GLU B 53 8.03 -29.79 20.56
N GLU B 54 6.70 -29.70 20.48
CA GLU B 54 6.03 -29.02 19.38
C GLU B 54 6.34 -27.53 19.43
N PHE B 55 6.41 -26.97 20.63
CA PHE B 55 6.70 -25.54 20.80
C PHE B 55 8.07 -25.21 20.23
N LEU B 56 9.06 -26.04 20.55
CA LEU B 56 10.41 -25.83 20.03
C LEU B 56 10.46 -25.99 18.50
N LYS B 57 9.66 -26.91 17.96
CA LYS B 57 9.66 -27.14 16.52
C LYS B 57 9.05 -25.98 15.78
N GLU B 58 8.00 -25.41 16.38
CA GLU B 58 7.35 -24.24 15.84
C GLU B 58 8.30 -23.05 15.87
N ALA B 59 9.08 -22.94 16.93
CA ALA B 59 10.08 -21.88 17.02
C ALA B 59 11.14 -22.05 15.95
N ALA B 60 11.56 -23.29 15.70
CA ALA B 60 12.58 -23.59 14.70
C ALA B 60 12.12 -23.18 13.30
N VAL B 61 10.87 -23.47 12.98
CA VAL B 61 10.33 -23.11 11.67
C VAL B 61 10.35 -21.60 11.45
N MET B 62 9.96 -20.83 12.47
CA MET B 62 9.92 -19.39 12.32
C MET B 62 11.29 -18.78 12.08
N LYS B 63 12.33 -19.46 12.56
CA LYS B 63 13.69 -18.97 12.33
C LYS B 63 14.05 -18.96 10.84
N GLU B 64 13.42 -19.85 10.08
CA GLU B 64 13.73 -20.00 8.66
C GLU B 64 12.83 -19.15 7.77
N ILE B 65 11.80 -18.56 8.38
CA ILE B 65 10.78 -17.84 7.64
C ILE B 65 11.11 -16.36 7.55
N LYS B 66 11.18 -15.84 6.34
CA LYS B 66 11.34 -14.40 6.17
C LYS B 66 10.59 -13.92 4.92
N HIS B 67 9.51 -13.21 5.15
CA HIS B 67 8.69 -12.67 4.09
C HIS B 67 7.97 -11.48 4.69
N PRO B 68 7.81 -10.41 3.91
CA PRO B 68 7.14 -9.21 4.42
C PRO B 68 5.70 -9.43 4.89
N ASN B 69 5.03 -10.49 4.43
CA ASN B 69 3.66 -10.71 4.84
C ASN B 69 3.50 -11.93 5.74
N LEU B 70 4.60 -12.33 6.34
CA LEU B 70 4.58 -13.32 7.40
C LEU B 70 5.11 -12.66 8.65
N VAL B 71 4.42 -12.87 9.76
CA VAL B 71 4.79 -12.26 11.04
C VAL B 71 6.24 -12.61 11.36
N GLN B 72 7.02 -11.58 11.66
CA GLN B 72 8.47 -11.72 11.80
C GLN B 72 8.87 -12.12 13.22
N LEU B 73 9.62 -13.21 13.31
CA LEU B 73 10.25 -13.59 14.56
C LEU B 73 11.29 -12.56 14.98
N LEU B 74 11.30 -12.20 16.27
CA LEU B 74 12.28 -11.26 16.78
C LEU B 74 13.27 -11.95 17.72
N GLY B 75 12.78 -12.94 18.46
CA GLY B 75 13.64 -13.66 19.39
C GLY B 75 12.96 -14.82 20.08
N VAL B 76 13.73 -15.65 20.77
CA VAL B 76 13.19 -16.75 21.54
C VAL B 76 13.90 -16.87 22.89
N CYS B 77 13.16 -17.37 23.89
CA CYS B 77 13.76 -17.70 25.18
C CYS B 77 13.54 -19.18 25.45
N THR B 78 14.55 -19.99 25.17
CA THR B 78 14.41 -21.43 25.25
C THR B 78 15.48 -22.04 26.12
N ARG B 79 16.02 -21.26 27.04
CA ARG B 79 17.07 -21.76 27.91
C ARG B 79 16.47 -22.47 29.12
N GLU B 80 15.55 -21.80 29.82
CA GLU B 80 14.89 -22.36 30.99
C GLU B 80 13.42 -21.91 31.00
N PRO B 81 12.48 -22.78 31.44
CA PRO B 81 11.07 -22.39 31.54
C PRO B 81 10.88 -21.13 32.41
N PRO B 82 9.90 -20.27 32.07
CA PRO B 82 8.99 -20.43 30.92
C PRO B 82 9.64 -20.04 29.60
N PHE B 83 9.26 -20.72 28.53
CA PHE B 83 9.84 -20.44 27.21
C PHE B 83 9.10 -19.31 26.52
N TYR B 84 9.83 -18.47 25.80
CA TYR B 84 9.22 -17.37 25.05
C TYR B 84 9.48 -17.50 23.55
N ILE B 85 8.49 -17.15 22.76
CA ILE B 85 8.70 -16.84 21.34
C ILE B 85 8.27 -15.41 21.12
N ILE B 86 9.20 -14.55 20.72
CA ILE B 86 8.90 -13.12 20.59
C ILE B 86 8.83 -12.74 19.12
N THR B 87 7.73 -12.10 18.75
CA THR B 87 7.52 -11.69 17.37
C THR B 87 7.13 -10.22 17.32
N GLU B 88 7.14 -9.65 16.12
CA GLU B 88 6.68 -8.29 15.95
C GLU B 88 5.22 -8.17 16.34
N PHE B 89 4.85 -6.98 16.80
CA PHE B 89 3.49 -6.67 17.19
C PHE B 89 2.77 -5.93 16.05
N MET B 90 1.62 -6.44 15.65
CA MET B 90 0.83 -5.84 14.58
C MET B 90 -0.28 -4.98 15.17
N THR B 91 -0.10 -3.66 15.08
CA THR B 91 -0.84 -2.69 15.88
C THR B 91 -2.36 -2.70 15.70
N TYR B 92 -2.84 -3.12 14.54
CA TYR B 92 -4.29 -3.12 14.29
C TYR B 92 -4.97 -4.45 14.59
N GLY B 93 -4.21 -5.42 15.12
CA GLY B 93 -4.78 -6.67 15.55
C GLY B 93 -5.18 -7.57 14.40
N ASN B 94 -6.09 -8.49 14.67
CA ASN B 94 -6.40 -9.49 13.66
C ASN B 94 -7.31 -8.95 12.58
N LEU B 95 -7.21 -9.54 11.40
CA LEU B 95 -7.91 -9.06 10.22
C LEU B 95 -9.43 -9.20 10.32
N LEU B 96 -9.89 -10.23 11.00
CA LEU B 96 -11.32 -10.47 11.16
C LEU B 96 -11.99 -9.31 11.88
N ASP B 97 -11.47 -8.97 13.06
CA ASP B 97 -12.02 -7.86 13.84
C ASP B 97 -11.83 -6.53 13.14
N TYR B 98 -10.72 -6.40 12.41
CA TYR B 98 -10.43 -5.20 11.66
C TYR B 98 -11.48 -4.95 10.58
N LEU B 99 -11.83 -5.98 9.82
CA LEU B 99 -12.83 -5.84 8.77
C LEU B 99 -14.22 -5.53 9.30
N ARG B 100 -14.54 -6.14 10.43
CA ARG B 100 -15.83 -5.96 11.07
C ARG B 100 -16.02 -4.53 11.58
N GLU B 101 -14.90 -3.88 11.93
CA GLU B 101 -14.96 -2.58 12.57
C GLU B 101 -14.50 -1.40 11.69
N CYS B 102 -14.01 -1.68 10.49
CA CYS B 102 -13.39 -0.61 9.67
C CYS B 102 -14.40 0.35 9.02
N ASN B 103 -13.89 1.51 8.61
CA ASN B 103 -14.61 2.42 7.72
C ASN B 103 -14.50 1.82 6.31
N ARG B 104 -15.61 1.41 5.72
CA ARG B 104 -15.54 0.70 4.44
C ARG B 104 -15.31 1.65 3.28
N GLN B 105 -15.46 2.95 3.51
CA GLN B 105 -15.12 3.94 2.49
C GLN B 105 -13.60 3.98 2.33
N GLU B 106 -12.90 3.81 3.44
CA GLU B 106 -11.45 3.67 3.43
C GLU B 106 -11.06 2.26 2.99
N VAL B 107 -11.60 1.26 3.69
CA VAL B 107 -11.32 -0.13 3.31
C VAL B 107 -12.32 -0.57 2.24
N ASN B 108 -12.10 -0.08 1.03
CA ASN B 108 -13.04 -0.30 -0.06
C ASN B 108 -12.58 -1.48 -0.93
N ALA B 109 -13.19 -1.66 -2.09
CA ALA B 109 -12.88 -2.83 -2.92
C ALA B 109 -11.38 -2.97 -3.27
N VAL B 110 -10.69 -1.86 -3.57
CA VAL B 110 -9.28 -1.98 -3.98
C VAL B 110 -8.42 -2.40 -2.80
N VAL B 111 -8.78 -1.96 -1.60
CA VAL B 111 -8.05 -2.35 -0.41
C VAL B 111 -8.27 -3.84 -0.11
N LEU B 112 -9.48 -4.32 -0.34
CA LEU B 112 -9.71 -5.76 -0.13
C LEU B 112 -8.80 -6.56 -1.08
N LEU B 113 -8.66 -6.08 -2.32
CA LEU B 113 -7.78 -6.71 -3.30
C LEU B 113 -6.35 -6.67 -2.83
N TYR B 114 -5.98 -5.53 -2.25
CA TYR B 114 -4.64 -5.35 -1.73
C TYR B 114 -4.36 -6.37 -0.63
N MET B 115 -5.31 -6.57 0.26
CA MET B 115 -5.17 -7.55 1.33
C MET B 115 -5.02 -8.97 0.80
N ALA B 116 -5.85 -9.33 -0.18
CA ALA B 116 -5.77 -10.65 -0.80
C ALA B 116 -4.44 -10.84 -1.52
N THR B 117 -3.94 -9.79 -2.16
CA THR B 117 -2.65 -9.86 -2.84
C THR B 117 -1.53 -10.13 -1.86
N GLN B 118 -1.56 -9.44 -0.73
CA GLN B 118 -0.52 -9.62 0.27
C GLN B 118 -0.51 -11.02 0.84
N ILE B 119 -1.70 -11.53 1.11
CA ILE B 119 -1.83 -12.83 1.71
C ILE B 119 -1.42 -13.91 0.72
N SER B 120 -1.80 -13.76 -0.55
CA SER B 120 -1.46 -14.78 -1.52
C SER B 120 0.04 -14.74 -1.80
N SER B 121 0.66 -13.58 -1.60
CA SER B 121 2.12 -13.46 -1.73
C SER B 121 2.86 -14.29 -0.67
N ALA B 122 2.40 -14.17 0.57
CA ALA B 122 2.92 -14.99 1.67
C ALA B 122 2.72 -16.45 1.37
N MET B 123 1.53 -16.82 0.92
CA MET B 123 1.24 -18.23 0.69
C MET B 123 2.01 -18.77 -0.52
N GLU B 124 2.29 -17.90 -1.48
CA GLU B 124 3.10 -18.30 -2.62
C GLU B 124 4.51 -18.62 -2.14
N TYR B 125 4.99 -17.83 -1.20
CA TYR B 125 6.32 -18.03 -0.60
C TYR B 125 6.37 -19.37 0.15
N LEU B 126 5.36 -19.63 0.96
CA LEU B 126 5.27 -20.90 1.69
C LEU B 126 5.19 -22.08 0.73
N GLU B 127 4.41 -21.92 -0.33
CA GLU B 127 4.28 -22.94 -1.37
C GLU B 127 5.66 -23.34 -1.89
N LYS B 128 6.49 -22.36 -2.21
CA LYS B 128 7.84 -22.60 -2.74
C LYS B 128 8.79 -23.18 -1.70
N LYS B 129 8.57 -22.85 -0.43
CA LYS B 129 9.47 -23.30 0.63
C LYS B 129 9.03 -24.66 1.21
N ASN B 130 8.05 -25.30 0.57
CA ASN B 130 7.50 -26.60 1.02
C ASN B 130 7.00 -26.55 2.46
N PHE B 131 6.26 -25.51 2.78
CA PHE B 131 5.55 -25.45 4.04
C PHE B 131 4.07 -25.51 3.73
N ILE B 132 3.28 -25.88 4.73
CA ILE B 132 1.84 -25.65 4.66
C ILE B 132 1.48 -24.85 5.90
N HIS B 133 0.31 -24.23 5.92
CA HIS B 133 -0.04 -23.39 7.06
C HIS B 133 -0.99 -24.09 8.05
N ARG B 134 -2.03 -24.73 7.53
CA ARG B 134 -3.02 -25.50 8.32
C ARG B 134 -4.04 -24.69 9.11
N ASP B 135 -3.86 -23.39 9.22
CA ASP B 135 -4.93 -22.59 9.81
C ASP B 135 -5.07 -21.22 9.17
N LEU B 136 -5.23 -21.22 7.86
CA LEU B 136 -5.41 -19.98 7.13
C LEU B 136 -6.86 -19.50 7.33
N ALA B 137 -7.00 -18.33 7.94
CA ALA B 137 -8.30 -17.79 8.30
C ALA B 137 -8.09 -16.33 8.70
N ALA B 138 -9.13 -15.51 8.58
CA ALA B 138 -8.98 -14.08 8.86
C ALA B 138 -8.53 -13.82 10.30
N ARG B 139 -8.99 -14.65 11.23
CA ARG B 139 -8.61 -14.50 12.64
C ARG B 139 -7.09 -14.67 12.81
N ASN B 140 -6.45 -15.34 11.86
CA ASN B 140 -5.01 -15.58 11.96
C ASN B 140 -4.18 -14.76 11.00
N CYS B 141 -4.78 -13.71 10.46
CA CYS B 141 -4.04 -12.71 9.74
C CYS B 141 -4.04 -11.47 10.60
N LEU B 142 -3.00 -10.66 10.46
CA LEU B 142 -2.80 -9.49 11.30
C LEU B 142 -2.63 -8.24 10.45
N VAL B 143 -3.04 -7.10 11.00
CA VAL B 143 -3.06 -5.86 10.23
C VAL B 143 -2.14 -4.82 10.85
N GLY B 144 -1.32 -4.18 10.01
CA GLY B 144 -0.46 -3.10 10.45
C GLY B 144 -0.91 -1.81 9.83
N GLU B 145 -0.07 -0.80 9.92
CA GLU B 145 -0.35 0.51 9.33
C GLU B 145 -0.51 0.43 7.81
N ASN B 146 -1.35 1.32 7.28
CA ASN B 146 -1.60 1.44 5.84
C ASN B 146 -2.01 0.13 5.16
N HIS B 147 -2.90 -0.60 5.81
CA HIS B 147 -3.49 -1.82 5.26
C HIS B 147 -2.49 -2.93 4.98
N LEU B 148 -1.36 -2.90 5.68
CA LEU B 148 -0.39 -4.00 5.66
C LEU B 148 -1.00 -5.20 6.35
N VAL B 149 -0.94 -6.37 5.71
CA VAL B 149 -1.45 -7.59 6.31
C VAL B 149 -0.36 -8.65 6.37
N LYS B 150 -0.26 -9.34 7.51
CA LYS B 150 0.66 -10.46 7.64
C LYS B 150 -0.07 -11.71 8.11
N VAL B 151 0.38 -12.84 7.59
CA VAL B 151 -0.14 -14.12 8.04
C VAL B 151 0.65 -14.57 9.28
N ALA B 152 -0.08 -14.99 10.31
CA ALA B 152 0.54 -15.61 11.48
C ALA B 152 1.19 -16.94 11.09
N ASP B 153 2.40 -17.19 11.57
CA ASP B 153 3.17 -18.33 11.11
C ASP B 153 3.58 -19.23 12.25
N PHE B 154 2.67 -19.40 13.21
CA PHE B 154 2.95 -20.20 14.39
C PHE B 154 2.46 -21.64 14.20
N GLY B 155 1.61 -21.84 13.21
CA GLY B 155 1.08 -23.16 12.92
C GLY B 155 1.68 -23.83 11.69
N LEU B 156 2.72 -23.23 11.13
CA LEU B 156 3.35 -23.74 9.91
C LEU B 156 3.91 -25.15 10.08
N SER B 157 3.73 -25.98 9.07
CA SER B 157 4.37 -27.28 9.06
C SER B 157 5.26 -27.42 7.82
N ARG B 158 6.43 -27.99 8.02
CA ARG B 158 7.33 -28.33 6.93
C ARG B 158 6.97 -29.65 6.29
N LEU B 159 6.93 -29.72 4.97
CA LEU B 159 6.73 -31.01 4.32
C LEU B 159 8.12 -31.62 4.11
N MET B 160 8.42 -32.67 4.86
CA MET B 160 9.72 -33.35 4.73
C MET B 160 9.86 -34.08 3.38
N THR B 161 8.79 -34.74 2.98
CA THR B 161 8.74 -35.51 1.74
C THR B 161 7.35 -35.30 1.16
N GLY B 162 7.21 -35.43 -0.15
CA GLY B 162 5.91 -35.39 -0.77
C GLY B 162 5.13 -34.09 -0.58
N ASP B 163 3.82 -34.15 -0.81
CA ASP B 163 3.00 -32.95 -0.84
C ASP B 163 1.99 -32.87 0.30
N THR B 164 1.93 -33.89 1.14
CA THR B 164 0.89 -33.93 2.15
C THR B 164 1.44 -34.00 3.57
N PTR B 165 0.69 -33.41 4.49
CA PTR B 165 1.04 -33.45 5.90
C PTR B 165 -0.16 -34.03 6.64
O PTR B 165 -1.28 -33.53 6.53
CB PTR B 165 1.41 -32.06 6.41
CG PTR B 165 1.99 -32.06 7.80
CD1 PTR B 165 1.17 -31.96 8.93
CD2 PTR B 165 3.35 -32.15 7.99
CE1 PTR B 165 1.72 -31.96 10.20
CE2 PTR B 165 3.89 -32.15 9.25
CZ PTR B 165 3.09 -32.05 10.36
OH PTR B 165 3.67 -32.09 11.52
P PTR B 165 3.41 -31.14 12.81
O1P PTR B 165 1.94 -31.22 13.24
O2P PTR B 165 3.82 -29.69 12.47
O3P PTR B 165 4.27 -31.65 13.90
N THR B 166 0.10 -35.10 7.37
CA THR B 166 -0.93 -35.76 8.16
C THR B 166 -0.95 -35.19 9.57
N ALA B 167 -2.09 -34.63 9.96
CA ALA B 167 -2.22 -34.04 11.29
C ALA B 167 -2.16 -35.15 12.33
N HIS B 168 -1.70 -34.82 13.53
CA HIS B 168 -1.63 -35.81 14.60
C HIS B 168 -3.01 -36.41 14.81
N ALA B 169 -3.05 -37.70 15.16
CA ALA B 169 -4.31 -38.43 15.29
C ALA B 169 -5.29 -37.75 16.25
N GLY B 170 -6.55 -37.67 15.83
CA GLY B 170 -7.58 -37.06 16.65
C GLY B 170 -7.57 -35.54 16.63
N ALA B 171 -6.91 -34.95 15.64
CA ALA B 171 -6.81 -33.50 15.54
C ALA B 171 -8.17 -32.85 15.34
N LYS B 172 -8.34 -31.65 15.90
CA LYS B 172 -9.59 -30.89 15.77
C LYS B 172 -9.46 -29.75 14.77
N PHE B 173 -10.48 -29.61 13.91
CA PHE B 173 -10.49 -28.65 12.80
C PHE B 173 -11.28 -27.39 13.07
N PRO B 174 -10.90 -26.29 12.40
CA PRO B 174 -11.86 -25.23 12.03
C PRO B 174 -12.60 -25.71 10.78
N ILE B 175 -13.69 -26.47 10.99
CA ILE B 175 -14.36 -27.21 9.92
C ILE B 175 -14.69 -26.36 8.68
N LYS B 176 -15.20 -25.15 8.89
CA LYS B 176 -15.69 -24.34 7.78
C LYS B 176 -14.58 -23.76 6.91
N TRP B 177 -13.34 -23.88 7.36
CA TRP B 177 -12.19 -23.44 6.58
C TRP B 177 -11.43 -24.61 5.98
N THR B 178 -11.88 -25.84 6.25
CA THR B 178 -11.06 -27.01 5.98
C THR B 178 -11.48 -27.70 4.69
N ALA B 179 -10.50 -27.97 3.82
CA ALA B 179 -10.78 -28.62 2.55
C ALA B 179 -11.40 -30.00 2.80
N PRO B 180 -12.27 -30.44 1.89
CA PRO B 180 -12.95 -31.73 2.07
C PRO B 180 -12.00 -32.90 2.26
N GLU B 181 -10.92 -32.98 1.50
CA GLU B 181 -10.00 -34.12 1.64
C GLU B 181 -9.30 -34.10 2.99
N SER B 182 -9.19 -32.93 3.61
CA SER B 182 -8.59 -32.80 4.93
C SER B 182 -9.57 -33.21 6.02
N LEU B 183 -10.83 -32.84 5.84
CA LEU B 183 -11.90 -33.28 6.75
C LEU B 183 -11.99 -34.79 6.73
N ALA B 184 -11.86 -35.35 5.54
CA ALA B 184 -12.10 -36.76 5.33
C ALA B 184 -10.90 -37.58 5.77
N TYR B 185 -9.68 -37.07 5.57
CA TYR B 185 -8.46 -37.87 5.76
C TYR B 185 -7.41 -37.29 6.71
N ASN B 186 -7.70 -36.14 7.31
CA ASN B 186 -6.73 -35.46 8.19
C ASN B 186 -5.40 -35.12 7.50
N LYS B 187 -5.44 -35.00 6.18
CA LYS B 187 -4.26 -34.67 5.39
C LYS B 187 -4.33 -33.25 4.88
N PHE B 188 -3.20 -32.55 4.97
CA PHE B 188 -3.14 -31.16 4.54
C PHE B 188 -2.08 -31.07 3.46
N SER B 189 -2.34 -30.21 2.49
CA SER B 189 -1.40 -29.95 1.42
C SER B 189 -1.51 -28.48 1.10
N ILE B 190 -0.69 -28.01 0.18
CA ILE B 190 -0.82 -26.62 -0.22
C ILE B 190 -2.20 -26.41 -0.89
N LYS B 191 -2.73 -27.44 -1.55
CA LYS B 191 -4.05 -27.30 -2.17
C LYS B 191 -5.16 -27.21 -1.13
N SER B 192 -4.97 -27.75 0.07
CA SER B 192 -5.98 -27.55 1.11
C SER B 192 -5.84 -26.14 1.69
N ASP B 193 -4.63 -25.58 1.61
CA ASP B 193 -4.43 -24.16 1.96
C ASP B 193 -5.12 -23.24 0.95
N VAL B 194 -5.10 -23.63 -0.33
CA VAL B 194 -5.81 -22.89 -1.36
C VAL B 194 -7.32 -22.87 -1.07
N TRP B 195 -7.86 -24.02 -0.66
CA TRP B 195 -9.27 -24.11 -0.27
C TRP B 195 -9.54 -23.10 0.83
N ALA B 196 -8.73 -23.14 1.89
CA ALA B 196 -8.93 -22.23 3.01
C ALA B 196 -8.78 -20.77 2.58
N PHE B 197 -7.85 -20.50 1.67
CA PHE B 197 -7.70 -19.15 1.11
C PHE B 197 -9.01 -18.69 0.48
N GLY B 198 -9.71 -19.61 -0.18
CA GLY B 198 -11.00 -19.32 -0.77
C GLY B 198 -12.00 -18.87 0.28
N VAL B 199 -12.04 -19.57 1.41
CA VAL B 199 -12.92 -19.16 2.51
C VAL B 199 -12.48 -17.81 3.08
N LEU B 200 -11.17 -17.62 3.24
CA LEU B 200 -10.64 -16.34 3.71
C LEU B 200 -11.03 -15.19 2.76
N LEU B 201 -11.03 -15.44 1.46
CA LEU B 201 -11.49 -14.43 0.48
C LEU B 201 -12.96 -14.08 0.72
N TRP B 202 -13.76 -15.09 1.03
CA TRP B 202 -15.17 -14.86 1.29
C TRP B 202 -15.31 -14.04 2.58
N GLU B 203 -14.51 -14.36 3.60
CA GLU B 203 -14.49 -13.57 4.83
C GLU B 203 -14.13 -12.11 4.57
N ILE B 204 -13.13 -11.92 3.72
CA ILE B 204 -12.69 -10.57 3.37
C ILE B 204 -13.78 -9.81 2.62
N ALA B 205 -14.36 -10.45 1.61
CA ALA B 205 -15.35 -9.82 0.74
C ALA B 205 -16.62 -9.45 1.50
N THR B 206 -16.90 -10.16 2.58
CA THR B 206 -18.10 -9.90 3.38
C THR B 206 -17.81 -9.03 4.57
N TYR B 207 -16.59 -8.49 4.65
CA TYR B 207 -16.13 -7.71 5.80
C TYR B 207 -16.28 -8.51 7.11
N GLY B 208 -15.90 -9.78 7.05
CA GLY B 208 -15.78 -10.56 8.26
C GLY B 208 -17.04 -11.29 8.70
N MET B 209 -17.91 -11.65 7.76
CA MET B 209 -19.04 -12.48 8.12
C MET B 209 -18.55 -13.91 8.34
N SER B 210 -19.29 -14.67 9.14
CA SER B 210 -18.99 -16.06 9.42
C SER B 210 -19.45 -16.93 8.26
N PRO B 211 -18.57 -17.83 7.79
CA PRO B 211 -18.89 -18.66 6.63
C PRO B 211 -19.99 -19.66 6.93
N TYR B 212 -20.70 -20.07 5.89
CA TYR B 212 -21.80 -21.03 5.98
C TYR B 212 -22.74 -20.79 7.16
N PRO B 213 -23.24 -19.55 7.29
CA PRO B 213 -24.00 -19.21 8.51
C PRO B 213 -25.22 -20.11 8.67
N GLY B 214 -25.38 -20.69 9.87
CA GLY B 214 -26.57 -21.45 10.17
C GLY B 214 -26.49 -22.89 9.73
N ILE B 215 -25.44 -23.26 9.01
CA ILE B 215 -25.31 -24.63 8.56
C ILE B 215 -24.68 -25.49 9.63
N ASP B 216 -25.34 -26.57 10.00
CA ASP B 216 -24.81 -27.53 10.95
C ASP B 216 -23.52 -28.17 10.46
N LEU B 217 -22.49 -28.08 11.30
CA LEU B 217 -21.14 -28.55 11.00
C LEU B 217 -21.12 -30.01 10.52
N SER B 218 -22.05 -30.83 11.00
CA SER B 218 -22.01 -32.24 10.61
C SER B 218 -22.42 -32.49 9.16
N GLN B 219 -23.05 -31.50 8.52
CA GLN B 219 -23.47 -31.68 7.13
C GLN B 219 -22.48 -31.03 6.14
N VAL B 220 -21.46 -30.36 6.64
CA VAL B 220 -20.57 -29.61 5.74
C VAL B 220 -19.89 -30.51 4.69
N TYR B 221 -19.28 -31.61 5.10
CA TYR B 221 -18.61 -32.47 4.14
C TYR B 221 -19.60 -32.97 3.06
N GLU B 222 -20.73 -33.51 3.50
CA GLU B 222 -21.72 -34.02 2.56
C GLU B 222 -22.25 -32.92 1.63
N LEU B 223 -22.48 -31.74 2.18
CA LEU B 223 -22.92 -30.59 1.35
C LEU B 223 -21.87 -30.28 0.31
N LEU B 224 -20.62 -30.21 0.72
CA LEU B 224 -19.54 -29.91 -0.18
C LEU B 224 -19.40 -30.99 -1.26
N GLU B 225 -19.55 -32.25 -0.87
CA GLU B 225 -19.42 -33.35 -1.83
C GLU B 225 -20.52 -33.29 -2.87
N LYS B 226 -21.67 -32.75 -2.47
CA LYS B 226 -22.79 -32.60 -3.38
C LYS B 226 -22.83 -31.22 -4.04
N ASP B 227 -21.67 -30.57 -4.05
CA ASP B 227 -21.36 -29.33 -4.78
C ASP B 227 -21.98 -28.06 -4.21
N TYR B 228 -22.36 -28.07 -2.93
CA TYR B 228 -22.80 -26.84 -2.28
C TYR B 228 -21.59 -25.93 -2.09
N ARG B 229 -21.73 -24.66 -2.49
CA ARG B 229 -20.70 -23.67 -2.23
C ARG B 229 -21.32 -22.37 -1.79
N MET B 230 -20.61 -21.62 -0.97
CA MET B 230 -21.09 -20.29 -0.59
C MET B 230 -21.30 -19.43 -1.80
N GLU B 231 -22.35 -18.62 -1.75
CA GLU B 231 -22.69 -17.77 -2.87
C GLU B 231 -21.92 -16.47 -2.88
N ARG B 232 -21.94 -15.81 -4.03
CA ARG B 232 -21.22 -14.55 -4.22
C ARG B 232 -21.79 -13.48 -3.31
N PRO B 233 -20.94 -12.93 -2.43
CA PRO B 233 -21.35 -11.85 -1.53
C PRO B 233 -21.80 -10.62 -2.31
N GLU B 234 -22.75 -9.86 -1.78
CA GLU B 234 -23.19 -8.63 -2.43
C GLU B 234 -22.00 -7.71 -2.65
N GLY B 235 -21.88 -7.18 -3.86
CA GLY B 235 -20.80 -6.27 -4.19
C GLY B 235 -19.48 -6.90 -4.59
N CYS B 236 -19.34 -8.21 -4.36
CA CYS B 236 -18.11 -8.92 -4.70
C CYS B 236 -17.97 -8.99 -6.21
N PRO B 237 -16.83 -8.51 -6.75
CA PRO B 237 -16.59 -8.58 -8.20
C PRO B 237 -16.70 -10.01 -8.70
N GLU B 238 -17.25 -10.21 -9.90
CA GLU B 238 -17.43 -11.57 -10.38
C GLU B 238 -16.09 -12.29 -10.49
N LYS B 239 -15.04 -11.61 -10.96
CA LYS B 239 -13.73 -12.26 -11.08
C LYS B 239 -13.16 -12.74 -9.74
N VAL B 240 -13.41 -11.99 -8.68
CA VAL B 240 -12.99 -12.41 -7.36
C VAL B 240 -13.76 -13.65 -6.93
N TYR B 241 -15.06 -13.63 -7.17
CA TYR B 241 -15.89 -14.78 -6.85
C TYR B 241 -15.50 -16.00 -7.69
N GLU B 242 -15.14 -15.77 -8.94
CA GLU B 242 -14.66 -16.89 -9.76
C GLU B 242 -13.41 -17.53 -9.16
N LEU B 243 -12.52 -16.70 -8.62
CA LEU B 243 -11.32 -17.20 -7.94
C LEU B 243 -11.69 -17.99 -6.69
N MET B 244 -12.65 -17.50 -5.91
CA MET B 244 -13.14 -18.29 -4.80
C MET B 244 -13.60 -19.65 -5.24
N ARG B 245 -14.40 -19.69 -6.29
CA ARG B 245 -14.98 -20.95 -6.75
C ARG B 245 -13.91 -21.91 -7.27
N ALA B 246 -12.87 -21.35 -7.87
CA ALA B 246 -11.71 -22.12 -8.30
C ALA B 246 -11.00 -22.75 -7.12
N CYS B 247 -10.84 -21.99 -6.04
CA CYS B 247 -10.22 -22.48 -4.82
C CYS B 247 -11.02 -23.62 -4.22
N TRP B 248 -12.32 -23.64 -4.47
CA TRP B 248 -13.19 -24.64 -3.90
C TRP B 248 -13.51 -25.77 -4.89
N GLN B 249 -12.61 -26.02 -5.84
CA GLN B 249 -12.80 -27.21 -6.67
C GLN B 249 -12.69 -28.45 -5.79
N TRP B 250 -13.57 -29.42 -6.04
CA TRP B 250 -13.57 -30.65 -5.28
C TRP B 250 -12.23 -31.38 -5.41
N ASN B 251 -11.76 -31.55 -6.64
CA ASN B 251 -10.48 -32.22 -6.85
C ASN B 251 -9.34 -31.23 -6.58
N PRO B 252 -8.49 -31.51 -5.57
CA PRO B 252 -7.39 -30.61 -5.19
C PRO B 252 -6.50 -30.21 -6.37
N SER B 253 -6.25 -31.15 -7.28
CA SER B 253 -5.36 -30.84 -8.41
C SER B 253 -6.04 -29.86 -9.38
N ASP B 254 -7.36 -29.67 -9.25
CA ASP B 254 -8.07 -28.69 -10.08
C ASP B 254 -8.02 -27.26 -9.56
N ARG B 255 -7.58 -27.09 -8.33
CA ARG B 255 -7.49 -25.77 -7.70
C ARG B 255 -6.27 -25.02 -8.20
N PRO B 256 -6.35 -23.69 -8.31
CA PRO B 256 -5.15 -22.96 -8.75
C PRO B 256 -4.02 -23.03 -7.72
N SER B 257 -2.80 -22.83 -8.17
CA SER B 257 -1.68 -22.67 -7.26
C SER B 257 -1.69 -21.27 -6.64
N PHE B 258 -0.91 -21.06 -5.60
CA PHE B 258 -0.87 -19.74 -4.99
C PHE B 258 -0.14 -18.75 -5.90
N ALA B 259 0.76 -19.27 -6.73
CA ALA B 259 1.43 -18.41 -7.71
C ALA B 259 0.39 -17.86 -8.69
N GLU B 260 -0.54 -18.70 -9.13
CA GLU B 260 -1.57 -18.25 -10.07
C GLU B 260 -2.55 -17.30 -9.40
N ILE B 261 -2.91 -17.62 -8.17
CA ILE B 261 -3.79 -16.81 -7.38
C ILE B 261 -3.19 -15.43 -7.15
N HIS B 262 -1.92 -15.40 -6.77
CA HIS B 262 -1.25 -14.15 -6.47
C HIS B 262 -1.19 -13.25 -7.72
N GLN B 263 -0.83 -13.85 -8.85
CA GLN B 263 -0.80 -13.13 -10.11
C GLN B 263 -2.17 -12.56 -10.46
N ALA B 264 -3.23 -13.34 -10.25
CA ALA B 264 -4.58 -12.87 -10.57
C ALA B 264 -4.96 -11.67 -9.71
N PHE B 265 -4.66 -11.74 -8.42
CA PHE B 265 -5.01 -10.62 -7.55
C PHE B 265 -4.13 -9.42 -7.77
N GLU B 266 -2.85 -9.67 -8.06
CA GLU B 266 -1.93 -8.59 -8.33
C GLU B 266 -2.38 -7.78 -9.53
N THR B 267 -2.83 -8.47 -10.57
CA THR B 267 -3.33 -7.81 -11.75
C THR B 267 -4.59 -7.00 -11.43
N MET B 268 -5.54 -7.59 -10.72
CA MET B 268 -6.75 -6.87 -10.37
C MET B 268 -6.43 -5.63 -9.51
N PHE B 269 -5.55 -5.83 -8.53
CA PHE B 269 -5.16 -4.75 -7.64
C PHE B 269 -4.52 -3.59 -8.39
N GLN B 270 -3.61 -3.93 -9.30
CA GLN B 270 -2.92 -2.93 -10.11
C GLN B 270 -3.84 -2.21 -11.08
N GLU B 271 -4.84 -2.90 -11.61
CA GLU B 271 -5.73 -2.27 -12.58
C GLU B 271 -6.80 -1.42 -11.88
N SER B 272 -6.89 -1.60 -10.57
CA SER B 272 -7.77 -0.81 -9.72
C SER B 272 -7.03 0.41 -9.16
N1 6CI C . 18.70 16.17 -8.73
N3 6CI C . 15.06 13.85 -12.31
C4 6CI C . 16.64 15.15 -9.19
C5 6CI C . 16.10 15.65 -7.98
C6 6CI C . 16.42 16.98 -5.86
C7 6CI C . 17.43 15.09 -4.56
C8 6CI C . 16.11 16.89 -3.41
C10 6CI C . 15.82 14.53 -11.47
C13 6CI C . 14.78 13.39 -9.53
C15 6CI C . 12.95 11.66 -10.41
C17 6CI C . 12.27 11.79 -7.95
C20 6CI C . 11.87 8.99 -7.97
C21 6CI C . 12.29 9.63 -9.12
C22 6CI C . 12.88 7.52 -10.34
C1 6CI C . 16.96 16.40 -7.18
C2 6CI C . 18.25 16.65 -7.58
C3 6CI C . 17.91 15.43 -9.53
N2 6CI C . 16.65 16.33 -4.62
O1 6CI C . 15.75 18.02 -5.93
C9 6CI C . 15.74 14.34 -10.08
C11 6CI C . 14.14 12.92 -11.88
C12 6CI C . 13.99 12.68 -10.51
N4 6CI C . 13.27 12.13 -12.57
C14 6CI C . 12.56 11.38 -11.73
C16 6CI C . 12.45 11.03 -9.12
C18 6CI C . 11.86 11.15 -6.81
C19 6CI C . 11.65 9.76 -6.80
O2 6CI C . 11.64 11.90 -5.62
O3 6CI C . 12.52 8.91 -10.38
N1 6CI D . -5.57 -9.30 18.18
N3 6CI D . 0.35 -8.73 17.07
C4 6CI D . -3.23 -8.97 18.20
C5 6CI D . -3.40 -7.83 19.04
C6 6CI D . -4.93 -6.26 20.33
C7 6CI D . -4.22 -4.63 18.54
C8 6CI D . -4.89 -3.84 20.80
C10 6CI D . -0.87 -8.38 17.44
C13 6CI D . -1.48 -10.77 17.71
C15 6CI D . 0.59 -12.35 17.10
C17 6CI D . 0.84 -14.66 18.13
C20 6CI D . -1.55 -15.52 16.93
C21 6CI D . -1.12 -14.23 16.72
C22 6CI D . -2.99 -13.96 15.15
C1 6CI D . -4.71 -7.49 19.41
C2 6CI D . -5.77 -8.25 18.97
C3 6CI D . -4.32 -9.66 17.80
N2 6CI D . -4.67 -4.93 19.89
O1 6CI D . -5.32 -6.46 21.49
C9 6CI D . -1.84 -9.36 17.78
C11 6CI D . 0.76 -10.06 16.98
C12 6CI D . -0.14 -11.09 17.29
N4 6CI D . 1.96 -10.63 16.63
C14 6CI D . 1.89 -11.97 16.69
C16 6CI D . 0.07 -13.77 17.32
C18 6CI D . 0.41 -15.95 18.33
C19 6CI D . -0.79 -16.41 17.74
O2 6CI D . 1.20 -16.84 19.14
O3 6CI D . -1.92 -13.34 15.87
#